data_5JE3
#
_entry.id   5JE3
#
_cell.length_a   47.071
_cell.length_b   67.265
_cell.length_c   144.757
_cell.angle_alpha   90.00
_cell.angle_beta   90.00
_cell.angle_gamma   90.00
#
_symmetry.space_group_name_H-M   'P 21 21 21'
#
loop_
_entity.id
_entity.type
_entity.pdbx_description
1 polymer 'Methyl transferase'
2 non-polymer S-ADENOSYL-L-HOMOCYSTEINE
3 water water
#
_entity_poly.entity_id   1
_entity_poly.type   'polypeptide(L)'
_entity_poly.pdbx_seq_one_letter_code
;GHMSTTARADSIGGLFEDFTQSAAQRAIEVRTIFHMIGDVSGKSVLDLACGFGFFGREIYRRGAAKVVGVDISEKMIELA
REESRKYGDPLEFHVRDVANMEPLGQFDLVNAAWLFNYADSVENLRKMFKVVRASLKPDGKLVAYTVDPDFSLAKGNFAK
YGVNVLNERAWGPGYRHDAEFVTDPPSQFSFYRWSRADYESAIADAGFSHFEWQKPLLEADDIATHPPGFWDVFQNNCLQ
TGLVCKP
;
_entity_poly.pdbx_strand_id   A,B
#
# COMPACT_ATOMS: atom_id res chain seq x y z
N GLN A 25 6.89 7.35 -1.53
CA GLN A 25 6.58 7.85 -0.19
C GLN A 25 5.18 8.47 -0.09
N ARG A 26 4.51 8.65 -1.23
CA ARG A 26 3.19 9.24 -1.24
C ARG A 26 2.06 8.22 -1.12
N ALA A 27 2.40 6.97 -0.76
CA ALA A 27 1.42 5.90 -0.77
C ALA A 27 0.19 6.23 0.08
N ILE A 28 0.40 6.64 1.34
CA ILE A 28 -0.71 6.99 2.22
C ILE A 28 -1.54 8.11 1.63
N GLU A 29 -0.88 9.12 1.10
CA GLU A 29 -1.59 10.28 0.57
C GLU A 29 -2.46 9.90 -0.62
N VAL A 30 -1.89 9.16 -1.58
CA VAL A 30 -2.65 8.69 -2.73
C VAL A 30 -3.85 7.88 -2.29
N ARG A 31 -3.63 6.93 -1.37
CA ARG A 31 -4.70 6.04 -0.91
C ARG A 31 -5.83 6.84 -0.29
N THR A 32 -5.48 7.84 0.54
CA THR A 32 -6.49 8.66 1.19
C THR A 32 -7.27 9.49 0.19
N ILE A 33 -6.59 10.13 -0.76
CA ILE A 33 -7.30 10.95 -1.73
C ILE A 33 -8.23 10.10 -2.60
N PHE A 34 -7.78 8.93 -3.05
CA PHE A 34 -8.70 8.13 -3.87
C PHE A 34 -9.81 7.48 -3.05
N HIS A 35 -9.59 7.28 -1.74
CA HIS A 35 -10.68 6.90 -0.85
C HIS A 35 -11.74 7.99 -0.77
N MET A 36 -11.31 9.24 -0.57
CA MET A 36 -12.23 10.37 -0.53
C MET A 36 -12.96 10.55 -1.85
N ILE A 37 -12.24 10.40 -2.96
CA ILE A 37 -12.82 10.61 -4.28
C ILE A 37 -13.88 9.54 -4.60
N GLY A 38 -13.57 8.27 -4.34
CA GLY A 38 -14.46 7.20 -4.77
C GLY A 38 -14.38 6.94 -6.27
N ASP A 39 -15.48 6.41 -6.80
CA ASP A 39 -15.57 6.06 -8.22
C ASP A 39 -15.63 7.34 -9.06
N VAL A 40 -14.68 7.49 -9.99
CA VAL A 40 -14.64 8.66 -10.88
C VAL A 40 -15.22 8.39 -12.24
N SER A 41 -15.79 7.20 -12.46
CA SER A 41 -16.17 6.82 -13.81
C SER A 41 -17.17 7.82 -14.39
N GLY A 42 -16.83 8.33 -15.56
CA GLY A 42 -17.69 9.24 -16.30
C GLY A 42 -17.78 10.63 -15.74
N LYS A 43 -17.03 10.96 -14.69
N LYS A 43 -17.02 10.98 -14.70
CA LYS A 43 -17.15 12.27 -14.08
CA LYS A 43 -17.13 12.27 -14.05
C LYS A 43 -16.28 13.29 -14.82
C LYS A 43 -16.19 13.31 -14.64
N SER A 44 -16.62 14.57 -14.61
CA SER A 44 -15.76 15.68 -14.99
C SER A 44 -15.03 16.18 -13.75
N VAL A 45 -13.76 16.52 -13.92
CA VAL A 45 -12.86 16.71 -12.78
C VAL A 45 -11.99 17.94 -13.01
N LEU A 46 -11.93 18.81 -12.01
CA LEU A 46 -11.04 19.96 -12.00
C LEU A 46 -9.96 19.69 -10.96
N ASP A 47 -8.70 19.61 -11.39
CA ASP A 47 -7.55 19.35 -10.50
C ASP A 47 -6.82 20.67 -10.26
N LEU A 48 -7.03 21.28 -9.08
CA LEU A 48 -6.45 22.58 -8.74
C LEU A 48 -5.08 22.41 -8.09
N ALA A 49 -4.19 23.38 -8.34
CA ALA A 49 -2.80 23.30 -7.90
C ALA A 49 -2.16 22.00 -8.37
N CYS A 50 -2.34 21.72 -9.67
CA CYS A 50 -2.13 20.38 -10.22
C CYS A 50 -0.68 20.00 -10.40
N GLY A 51 0.26 20.95 -10.32
CA GLY A 51 1.65 20.61 -10.56
C GLY A 51 1.82 20.09 -11.98
N PHE A 52 2.62 19.02 -12.13
CA PHE A 52 2.73 18.39 -13.44
C PHE A 52 1.53 17.50 -13.77
N GLY A 53 0.50 17.49 -12.91
CA GLY A 53 -0.76 16.83 -13.20
C GLY A 53 -0.96 15.46 -12.59
N PHE A 54 -0.17 15.09 -11.59
CA PHE A 54 -0.16 13.73 -11.05
C PHE A 54 -1.58 13.21 -10.77
N PHE A 55 -2.35 13.94 -9.95
CA PHE A 55 -3.67 13.42 -9.55
C PHE A 55 -4.67 13.45 -10.69
N GLY A 56 -4.74 14.56 -11.44
CA GLY A 56 -5.66 14.60 -12.56
C GLY A 56 -5.41 13.46 -13.54
N ARG A 57 -4.15 13.20 -13.85
CA ARG A 57 -3.81 12.19 -14.85
C ARG A 57 -4.19 10.79 -14.36
N GLU A 58 -3.95 10.52 -13.08
CA GLU A 58 -4.34 9.24 -12.49
C GLU A 58 -5.87 9.13 -12.38
N ILE A 59 -6.56 10.24 -12.11
CA ILE A 59 -8.01 10.22 -12.07
C ILE A 59 -8.57 9.89 -13.45
N TYR A 60 -7.96 10.43 -14.50
CA TYR A 60 -8.34 10.02 -15.85
C TYR A 60 -8.06 8.54 -16.06
N ARG A 61 -6.89 8.06 -15.64
CA ARG A 61 -6.57 6.65 -15.80
C ARG A 61 -7.63 5.77 -15.17
N ARG A 62 -8.26 6.23 -14.09
CA ARG A 62 -9.26 5.44 -13.38
C ARG A 62 -10.67 5.65 -13.92
N GLY A 63 -10.84 6.37 -15.03
CA GLY A 63 -12.11 6.38 -15.71
C GLY A 63 -12.84 7.70 -15.85
N ALA A 64 -12.26 8.81 -15.37
CA ALA A 64 -12.94 10.11 -15.50
C ALA A 64 -13.21 10.42 -16.98
N ALA A 65 -14.31 11.15 -17.23
CA ALA A 65 -14.64 11.49 -18.60
C ALA A 65 -13.78 12.63 -19.13
N LYS A 66 -13.43 13.57 -18.28
CA LYS A 66 -12.74 14.78 -18.68
C LYS A 66 -12.04 15.36 -17.45
N VAL A 67 -10.78 15.79 -17.64
CA VAL A 67 -9.97 16.32 -16.54
C VAL A 67 -9.35 17.63 -17.01
N VAL A 68 -9.51 18.67 -16.21
CA VAL A 68 -8.86 19.96 -16.42
C VAL A 68 -7.96 20.22 -15.21
N GLY A 69 -6.72 20.62 -15.47
CA GLY A 69 -5.79 20.97 -14.41
C GLY A 69 -5.46 22.45 -14.43
N VAL A 70 -5.26 23.02 -13.23
CA VAL A 70 -4.91 24.44 -13.07
C VAL A 70 -3.74 24.56 -12.11
N ASP A 71 -2.78 25.40 -12.47
CA ASP A 71 -1.66 25.71 -11.59
C ASP A 71 -1.24 27.15 -11.86
N ILE A 72 -0.74 27.81 -10.82
CA ILE A 72 -0.30 29.20 -10.98
C ILE A 72 1.01 29.30 -11.73
N SER A 73 1.79 28.22 -11.78
CA SER A 73 3.14 28.23 -12.34
C SER A 73 3.11 27.88 -13.82
N GLU A 74 3.62 28.79 -14.66
CA GLU A 74 3.75 28.51 -16.09
C GLU A 74 4.67 27.33 -16.33
N LYS A 75 5.76 27.25 -15.55
CA LYS A 75 6.72 26.17 -15.73
C LYS A 75 6.07 24.82 -15.43
N MET A 76 5.31 24.74 -14.33
CA MET A 76 4.65 23.49 -13.98
C MET A 76 3.65 23.08 -15.04
N ILE A 77 2.90 24.03 -15.60
CA ILE A 77 1.93 23.70 -16.63
C ILE A 77 2.64 23.29 -17.92
N GLU A 78 3.82 23.85 -18.18
CA GLU A 78 4.61 23.40 -19.32
C GLU A 78 5.04 21.94 -19.17
N LEU A 79 5.40 21.53 -17.96
CA LEU A 79 5.72 20.12 -17.72
C LEU A 79 4.48 19.25 -17.77
N ALA A 80 3.37 19.71 -17.16
CA ALA A 80 2.11 18.99 -17.23
C ALA A 80 1.71 18.71 -18.67
N ARG A 81 1.81 19.71 -19.54
CA ARG A 81 1.46 19.49 -20.94
C ARG A 81 2.44 18.55 -21.63
N GLU A 82 3.74 18.69 -21.32
CA GLU A 82 4.69 17.74 -21.89
C GLU A 82 4.38 16.31 -21.42
N GLU A 83 3.94 16.16 -20.17
CA GLU A 83 3.63 14.81 -19.70
C GLU A 83 2.42 14.23 -20.42
N SER A 84 1.39 15.05 -20.65
CA SER A 84 0.22 14.59 -21.39
C SER A 84 0.55 14.26 -22.85
N ARG A 85 1.45 15.01 -23.47
CA ARG A 85 1.90 14.65 -24.82
C ARG A 85 2.62 13.32 -24.82
N LYS A 86 3.41 13.06 -23.78
CA LYS A 86 4.25 11.86 -23.74
C LYS A 86 3.43 10.57 -23.62
N TYR A 87 2.29 10.62 -22.93
CA TYR A 87 1.39 9.46 -22.81
C TYR A 87 0.11 9.63 -23.60
N GLY A 88 -0.07 10.75 -24.31
CA GLY A 88 -1.21 10.93 -25.18
C GLY A 88 -2.56 11.00 -24.50
N ASP A 89 -2.61 11.47 -23.24
CA ASP A 89 -3.90 11.61 -22.57
C ASP A 89 -4.54 12.95 -22.94
N PRO A 90 -5.84 13.11 -22.68
CA PRO A 90 -6.54 14.31 -23.15
C PRO A 90 -6.70 15.39 -22.10
N LEU A 91 -5.83 15.44 -21.10
CA LEU A 91 -5.95 16.47 -20.07
C LEU A 91 -5.72 17.85 -20.68
N GLU A 92 -6.47 18.85 -20.19
CA GLU A 92 -6.28 20.25 -20.57
C GLU A 92 -5.80 21.02 -19.34
N PHE A 93 -4.78 21.84 -19.52
CA PHE A 93 -4.20 22.59 -18.41
C PHE A 93 -4.36 24.09 -18.61
N HIS A 94 -4.38 24.80 -17.48
CA HIS A 94 -4.47 26.27 -17.50
C HIS A 94 -3.53 26.84 -16.45
N VAL A 95 -2.94 27.99 -16.78
CA VAL A 95 -2.13 28.76 -15.84
C VAL A 95 -3.07 29.78 -15.21
N ARG A 96 -3.45 29.53 -13.96
CA ARG A 96 -4.32 30.49 -13.29
C ARG A 96 -3.99 30.51 -11.80
N ASP A 97 -4.25 31.65 -11.16
CA ASP A 97 -4.17 31.76 -9.71
C ASP A 97 -5.55 31.41 -9.15
N VAL A 98 -5.65 30.28 -8.44
CA VAL A 98 -6.96 29.81 -8.01
C VAL A 98 -7.66 30.86 -7.17
N ALA A 99 -6.91 31.63 -6.38
CA ALA A 99 -7.56 32.63 -5.54
C ALA A 99 -8.27 33.68 -6.36
N ASN A 100 -7.82 33.90 -7.59
CA ASN A 100 -8.29 34.99 -8.46
C ASN A 100 -8.62 34.46 -9.85
N MET A 101 -9.33 33.35 -9.90
CA MET A 101 -9.40 32.50 -11.09
C MET A 101 -10.57 32.87 -11.99
N GLU A 102 -10.29 33.06 -13.27
CA GLU A 102 -11.35 33.13 -14.30
C GLU A 102 -12.21 31.88 -14.22
N PRO A 103 -13.53 32.00 -14.22
CA PRO A 103 -14.38 30.78 -14.15
C PRO A 103 -14.05 29.79 -15.26
N LEU A 104 -14.07 28.51 -14.90
CA LEU A 104 -13.78 27.43 -15.83
C LEU A 104 -14.95 26.48 -16.01
N GLY A 105 -16.09 26.79 -15.46
CA GLY A 105 -17.25 25.92 -15.58
C GLY A 105 -17.52 25.23 -14.26
N GLN A 106 -18.37 24.21 -14.34
CA GLN A 106 -18.76 23.46 -13.16
C GLN A 106 -18.49 21.98 -13.43
N PHE A 107 -18.01 21.30 -12.39
CA PHE A 107 -17.47 19.96 -12.46
C PHE A 107 -18.16 19.09 -11.42
N ASP A 108 -18.13 17.78 -11.67
CA ASP A 108 -18.61 16.83 -10.66
C ASP A 108 -17.67 16.76 -9.46
N LEU A 109 -16.38 16.92 -9.69
CA LEU A 109 -15.34 16.75 -8.67
C LEU A 109 -14.28 17.82 -8.82
N VAL A 110 -13.90 18.46 -7.71
CA VAL A 110 -12.75 19.35 -7.68
C VAL A 110 -11.73 18.65 -6.78
N ASN A 111 -10.56 18.34 -7.30
CA ASN A 111 -9.50 17.75 -6.48
C ASN A 111 -8.49 18.84 -6.20
N ALA A 112 -8.05 18.95 -4.93
CA ALA A 112 -7.14 20.04 -4.57
C ALA A 112 -6.11 19.46 -3.58
N ALA A 113 -5.09 18.81 -4.12
CA ALA A 113 -4.01 18.24 -3.29
C ALA A 113 -2.91 19.30 -3.15
N TRP A 114 -2.80 19.88 -1.95
CA TRP A 114 -1.80 20.90 -1.62
C TRP A 114 -2.07 22.21 -2.34
N LEU A 115 -3.34 22.63 -2.34
CA LEU A 115 -3.72 23.96 -2.76
C LEU A 115 -3.80 24.94 -1.59
N PHE A 116 -4.62 24.60 -0.58
CA PHE A 116 -5.05 25.60 0.41
C PHE A 116 -3.93 26.05 1.33
N ASN A 117 -2.90 25.22 1.54
CA ASN A 117 -1.74 25.66 2.30
C ASN A 117 -0.89 26.66 1.55
N TYR A 118 -1.22 27.00 0.31
CA TYR A 118 -0.53 28.09 -0.36
C TYR A 118 -1.29 29.40 -0.28
N ALA A 119 -2.49 29.42 0.28
CA ALA A 119 -3.17 30.68 0.56
C ALA A 119 -2.36 31.49 1.57
N ASP A 120 -1.98 32.72 1.20
CA ASP A 120 -1.07 33.47 2.04
C ASP A 120 -1.78 34.39 3.02
N SER A 121 -3.11 34.33 3.11
CA SER A 121 -3.86 35.06 4.11
C SER A 121 -5.16 34.32 4.31
N VAL A 122 -5.82 34.58 5.44
CA VAL A 122 -7.15 34.00 5.63
C VAL A 122 -8.11 34.50 4.56
N GLU A 123 -7.97 35.77 4.17
CA GLU A 123 -8.81 36.30 3.09
C GLU A 123 -8.64 35.49 1.81
N ASN A 124 -7.40 35.17 1.44
CA ASN A 124 -7.18 34.38 0.22
C ASN A 124 -7.59 32.91 0.40
N LEU A 125 -7.48 32.36 1.61
CA LEU A 125 -8.04 31.02 1.84
C LEU A 125 -9.55 31.05 1.57
N ARG A 126 -10.22 32.08 2.07
CA ARG A 126 -11.65 32.18 1.87
C ARG A 126 -12.00 32.36 0.39
N LYS A 127 -11.24 33.17 -0.34
CA LYS A 127 -11.50 33.30 -1.78
C LYS A 127 -11.32 31.97 -2.51
N MET A 128 -10.30 31.19 -2.13
CA MET A 128 -10.09 29.91 -2.80
C MET A 128 -11.30 29.00 -2.60
N PHE A 129 -11.83 28.94 -1.38
CA PHE A 129 -13.01 28.11 -1.16
C PHE A 129 -14.22 28.61 -1.96
N LYS A 130 -14.38 29.94 -2.10
CA LYS A 130 -15.47 30.46 -2.93
C LYS A 130 -15.29 30.10 -4.40
N VAL A 131 -14.06 30.17 -4.91
CA VAL A 131 -13.78 29.71 -6.28
C VAL A 131 -14.15 28.25 -6.46
N VAL A 132 -13.75 27.38 -5.52
CA VAL A 132 -14.11 25.96 -5.59
C VAL A 132 -15.62 25.79 -5.63
N ARG A 133 -16.33 26.53 -4.78
CA ARG A 133 -17.78 26.36 -4.77
C ARG A 133 -18.38 26.73 -6.11
N ALA A 134 -17.89 27.81 -6.70
CA ALA A 134 -18.38 28.28 -8.00
C ALA A 134 -18.05 27.29 -9.11
N SER A 135 -17.13 26.37 -8.84
CA SER A 135 -16.65 25.40 -9.82
C SER A 135 -17.34 24.05 -9.71
N LEU A 136 -18.32 23.94 -8.84
CA LEU A 136 -18.95 22.66 -8.54
C LEU A 136 -20.39 22.62 -9.03
N LYS A 137 -20.75 21.48 -9.62
CA LYS A 137 -22.15 21.16 -9.85
C LYS A 137 -22.86 21.00 -8.51
N PRO A 138 -24.19 21.20 -8.48
CA PRO A 138 -24.92 21.16 -7.19
C PRO A 138 -24.73 19.88 -6.42
N ASP A 139 -24.54 18.74 -7.11
N ASP A 139 -24.53 18.74 -7.08
CA ASP A 139 -24.32 17.44 -6.49
CA ASP A 139 -24.31 17.49 -6.37
C ASP A 139 -22.86 17.03 -6.47
C ASP A 139 -22.84 17.03 -6.44
N GLY A 140 -21.94 17.94 -6.75
CA GLY A 140 -20.52 17.63 -6.81
C GLY A 140 -19.86 17.63 -5.44
N LYS A 141 -18.53 17.54 -5.44
CA LYS A 141 -17.84 17.58 -4.16
C LYS A 141 -16.40 18.02 -4.34
N LEU A 142 -15.85 18.62 -3.27
CA LEU A 142 -14.44 18.96 -3.17
C LEU A 142 -13.73 17.88 -2.37
N VAL A 143 -12.64 17.35 -2.93
CA VAL A 143 -11.73 16.50 -2.18
C VAL A 143 -10.42 17.27 -2.09
N ALA A 144 -9.90 17.44 -0.87
CA ALA A 144 -8.71 18.25 -0.69
C ALA A 144 -7.74 17.54 0.24
N TYR A 145 -6.47 17.86 0.07
CA TYR A 145 -5.40 17.42 0.94
C TYR A 145 -4.62 18.66 1.33
N THR A 146 -4.46 18.91 2.63
CA THR A 146 -3.84 20.16 3.06
C THR A 146 -3.12 19.94 4.38
N VAL A 147 -2.57 21.02 4.95
CA VAL A 147 -1.85 20.91 6.22
C VAL A 147 -2.86 20.75 7.36
N ASP A 148 -2.60 19.81 8.26
CA ASP A 148 -3.45 19.65 9.45
C ASP A 148 -3.28 20.87 10.35
N PRO A 149 -4.35 21.60 10.66
CA PRO A 149 -4.22 22.74 11.59
C PRO A 149 -3.55 22.41 12.90
N ASP A 150 -3.64 21.16 13.36
CA ASP A 150 -3.08 20.75 14.65
C ASP A 150 -1.60 20.41 14.60
N PHE A 151 -0.99 20.40 13.41
CA PHE A 151 0.44 20.14 13.32
C PHE A 151 1.19 21.17 14.16
N SER A 152 2.19 20.69 14.89
CA SER A 152 3.04 21.54 15.70
C SER A 152 4.48 21.08 15.50
N LEU A 153 5.33 21.97 15.00
CA LEU A 153 6.70 21.57 14.67
C LEU A 153 7.42 20.95 15.87
N ALA A 154 7.14 21.42 17.10
CA ALA A 154 7.84 20.89 18.26
C ALA A 154 7.48 19.44 18.59
N LYS A 155 6.34 18.94 18.12
CA LYS A 155 5.94 17.56 18.39
C LYS A 155 6.61 16.55 17.46
N GLY A 156 7.39 17.02 16.49
CA GLY A 156 8.10 16.12 15.60
C GLY A 156 8.09 16.59 14.16
N ASN A 157 9.28 16.70 13.59
CA ASN A 157 9.42 17.03 12.18
C ASN A 157 8.90 15.88 11.31
N PHE A 158 8.63 16.18 10.04
CA PHE A 158 8.06 15.24 9.10
C PHE A 158 9.08 14.75 8.08
N ALA A 159 10.37 15.08 8.29
CA ALA A 159 11.40 14.73 7.33
C ALA A 159 11.42 13.22 7.07
N LYS A 160 11.23 12.43 8.12
CA LYS A 160 11.25 10.98 8.00
C LYS A 160 10.20 10.48 7.02
N TYR A 161 9.15 11.26 6.80
CA TYR A 161 8.04 10.91 5.93
C TYR A 161 8.06 11.65 4.60
N GLY A 162 9.07 12.46 4.35
CA GLY A 162 9.28 13.07 3.05
C GLY A 162 9.29 14.58 3.03
N VAL A 163 8.95 15.27 4.11
CA VAL A 163 8.89 16.73 4.14
C VAL A 163 9.65 17.22 5.36
N ASN A 164 10.79 17.87 5.14
CA ASN A 164 11.57 18.46 6.22
C ASN A 164 11.02 19.86 6.47
N VAL A 165 10.28 20.01 7.56
CA VAL A 165 9.77 21.32 7.97
C VAL A 165 10.88 22.05 8.73
N LEU A 166 11.33 23.17 8.17
CA LEU A 166 12.50 23.85 8.70
C LEU A 166 12.21 24.81 9.84
N ASN A 167 11.03 25.40 9.89
CA ASN A 167 10.74 26.41 10.90
C ASN A 167 9.23 26.61 11.00
N GLU A 168 8.83 27.48 11.91
CA GLU A 168 7.42 27.72 12.23
C GLU A 168 7.35 29.11 12.81
N ARG A 169 6.71 30.04 12.08
CA ARG A 169 6.72 31.44 12.47
C ARG A 169 5.30 31.99 12.49
N ALA A 170 4.96 32.73 13.54
CA ALA A 170 3.66 33.37 13.60
C ALA A 170 3.46 34.25 12.37
N TRP A 171 2.27 34.17 11.77
CA TRP A 171 1.93 34.92 10.56
C TRP A 171 0.48 35.36 10.69
N GLY A 172 0.25 36.55 11.25
CA GLY A 172 -1.10 36.98 11.51
C GLY A 172 -1.81 35.98 12.40
N PRO A 173 -3.00 35.55 12.00
CA PRO A 173 -3.74 34.52 12.75
C PRO A 173 -3.28 33.09 12.51
N GLY A 174 -2.29 32.85 11.67
CA GLY A 174 -1.85 31.50 11.37
C GLY A 174 -0.36 31.34 11.63
N TYR A 175 0.23 30.38 10.94
CA TYR A 175 1.65 30.14 10.96
C TYR A 175 2.18 29.92 9.54
N ARG A 176 3.41 30.37 9.34
CA ARG A 176 4.16 30.17 8.11
C ARG A 176 5.26 29.15 8.36
N HIS A 177 5.46 28.23 7.42
CA HIS A 177 6.48 27.20 7.52
C HIS A 177 7.36 27.22 6.27
N ASP A 178 8.67 27.29 6.45
CA ASP A 178 9.58 26.95 5.36
C ASP A 178 9.90 25.46 5.43
N ALA A 179 9.99 24.81 4.27
CA ALA A 179 10.21 23.37 4.24
C ALA A 179 10.92 22.96 2.95
N GLU A 180 11.18 21.67 2.83
CA GLU A 180 11.87 21.12 1.67
C GLU A 180 11.59 19.63 1.58
N PHE A 181 11.63 19.12 0.36
CA PHE A 181 11.51 17.68 0.13
C PHE A 181 12.87 17.03 0.30
N VAL A 182 12.88 15.82 0.86
CA VAL A 182 14.13 15.14 1.16
C VAL A 182 14.82 14.68 -0.13
N PRO A 186 17.05 18.18 -2.74
CA PRO A 186 16.43 18.91 -1.62
C PRO A 186 15.67 20.15 -2.09
N SER A 187 14.49 19.94 -2.68
CA SER A 187 13.71 21.02 -3.24
C SER A 187 12.93 21.76 -2.16
N GLN A 188 13.09 23.08 -2.08
CA GLN A 188 12.53 23.89 -1.02
C GLN A 188 11.23 24.58 -1.44
N PHE A 189 10.42 24.92 -0.45
CA PHE A 189 9.13 25.58 -0.67
C PHE A 189 8.64 26.13 0.68
N SER A 190 7.62 26.99 0.61
CA SER A 190 7.07 27.65 1.79
C SER A 190 5.55 27.57 1.76
N PHE A 191 4.94 27.38 2.92
CA PHE A 191 3.49 27.22 2.98
C PHE A 191 2.96 27.78 4.29
N TYR A 192 1.64 27.70 4.46
CA TYR A 192 0.93 28.38 5.53
C TYR A 192 0.01 27.43 6.25
N ARG A 193 -0.07 27.56 7.57
CA ARG A 193 -0.89 26.67 8.39
C ARG A 193 -1.96 27.53 9.04
N TRP A 194 -3.17 27.52 8.47
CA TRP A 194 -4.28 28.23 9.05
C TRP A 194 -5.03 27.34 10.02
N SER A 195 -5.75 28.00 10.94
CA SER A 195 -6.41 27.29 12.03
C SER A 195 -7.63 26.54 11.54
N ARG A 196 -8.01 25.51 12.32
CA ARG A 196 -9.21 24.74 11.97
C ARG A 196 -10.44 25.64 11.94
N ALA A 197 -10.55 26.56 12.90
CA ALA A 197 -11.68 27.50 12.92
C ALA A 197 -11.70 28.38 11.69
N ASP A 198 -10.53 28.83 11.22
CA ASP A 198 -10.51 29.66 10.01
C ASP A 198 -10.86 28.84 8.77
N TYR A 199 -10.40 27.59 8.67
CA TYR A 199 -10.82 26.74 7.56
C TYR A 199 -12.32 26.52 7.57
N GLU A 200 -12.87 26.21 8.74
CA GLU A 200 -14.29 25.89 8.81
C GLU A 200 -15.14 27.12 8.54
N SER A 201 -14.66 28.30 8.93
N SER A 201 -14.66 28.31 8.92
CA SER A 201 -15.36 29.54 8.57
CA SER A 201 -15.40 29.52 8.55
C SER A 201 -15.33 29.75 7.06
C SER A 201 -15.33 29.76 7.05
N ALA A 202 -14.17 29.50 6.44
CA ALA A 202 -14.05 29.69 4.99
C ALA A 202 -14.99 28.74 4.24
N ILE A 203 -15.07 27.50 4.71
CA ILE A 203 -15.95 26.49 4.12
C ILE A 203 -17.41 26.91 4.23
N ALA A 204 -17.83 27.28 5.43
CA ALA A 204 -19.24 27.65 5.62
C ALA A 204 -19.57 28.91 4.84
N ASP A 205 -18.69 29.90 4.87
CA ASP A 205 -19.02 31.17 4.24
C ASP A 205 -18.98 31.09 2.72
N ALA A 206 -18.30 30.09 2.15
CA ALA A 206 -18.32 29.85 0.71
C ALA A 206 -19.56 29.08 0.25
N GLY A 207 -20.36 28.58 1.17
CA GLY A 207 -21.60 27.92 0.83
C GLY A 207 -21.57 26.41 0.81
N PHE A 208 -20.60 25.77 1.46
CA PHE A 208 -20.59 24.31 1.59
C PHE A 208 -21.37 23.93 2.84
N SER A 209 -22.49 23.22 2.64
CA SER A 209 -23.31 22.85 3.78
C SER A 209 -22.80 21.61 4.51
N HIS A 210 -21.82 20.89 3.95
CA HIS A 210 -21.26 19.73 4.63
C HIS A 210 -19.76 19.69 4.42
N PHE A 211 -19.03 19.35 5.48
CA PHE A 211 -17.61 19.10 5.34
C PHE A 211 -17.21 18.03 6.34
N GLU A 212 -16.10 17.36 6.04
CA GLU A 212 -15.56 16.44 7.03
C GLU A 212 -14.06 16.34 6.86
N TRP A 213 -13.36 16.38 7.99
CA TRP A 213 -11.92 16.16 7.98
C TRP A 213 -11.63 14.68 7.93
N GLN A 214 -10.61 14.29 7.15
CA GLN A 214 -10.33 12.87 6.94
C GLN A 214 -8.91 12.58 7.42
N LYS A 215 -8.79 11.66 8.38
CA LYS A 215 -7.47 11.28 8.83
C LYS A 215 -6.77 10.48 7.73
N PRO A 216 -5.47 10.72 7.51
CA PRO A 216 -4.76 9.92 6.49
C PRO A 216 -4.87 8.42 6.79
N LEU A 217 -4.98 7.63 5.73
CA LEU A 217 -5.36 6.22 5.83
C LEU A 217 -4.12 5.34 6.01
N LEU A 218 -3.44 5.56 7.13
CA LEU A 218 -2.40 4.65 7.55
C LEU A 218 -3.02 3.29 7.89
N GLU A 219 -2.49 2.21 7.29
CA GLU A 219 -3.09 0.89 7.39
C GLU A 219 -2.15 -0.12 8.03
N ALA A 220 -2.72 -1.23 8.48
CA ALA A 220 -1.95 -2.28 9.14
C ALA A 220 -0.76 -2.73 8.28
N ASP A 221 -0.95 -2.82 6.96
CA ASP A 221 0.15 -3.21 6.08
C ASP A 221 1.30 -2.20 6.13
N ASP A 222 0.98 -0.90 6.21
CA ASP A 222 2.06 0.08 6.32
C ASP A 222 2.86 -0.13 7.59
N ILE A 223 2.16 -0.38 8.69
CA ILE A 223 2.84 -0.58 9.96
C ILE A 223 3.70 -1.84 9.91
N ALA A 224 3.21 -2.89 9.24
CA ALA A 224 3.93 -4.17 9.29
C ALA A 224 5.21 -4.14 8.47
N THR A 225 5.30 -3.25 7.47
CA THR A 225 6.43 -3.21 6.55
C THR A 225 7.44 -2.12 6.91
N HIS A 226 7.31 -1.49 8.06
CA HIS A 226 8.24 -0.49 8.55
C HIS A 226 8.70 -0.88 9.94
N PRO A 227 9.88 -0.41 10.37
CA PRO A 227 10.34 -0.71 11.72
C PRO A 227 9.30 -0.29 12.74
N PRO A 228 9.25 -0.95 13.89
CA PRO A 228 8.23 -0.62 14.89
C PRO A 228 8.35 0.83 15.36
N GLY A 229 7.19 1.48 15.49
CA GLY A 229 7.15 2.87 15.89
C GLY A 229 7.51 3.87 14.81
N PHE A 230 7.89 3.43 13.62
CA PHE A 230 8.23 4.35 12.53
C PHE A 230 7.13 5.38 12.30
N TRP A 231 5.87 4.97 12.42
CA TRP A 231 4.75 5.86 12.13
C TRP A 231 4.26 6.62 13.36
N ASP A 232 4.98 6.57 14.49
CA ASP A 232 4.49 7.22 15.70
C ASP A 232 4.28 8.73 15.50
N VAL A 233 5.26 9.41 14.93
CA VAL A 233 5.10 10.87 14.74
C VAL A 233 4.01 11.18 13.74
N PHE A 234 3.94 10.41 12.65
CA PHE A 234 2.87 10.54 11.67
C PHE A 234 1.50 10.44 12.32
N GLN A 235 1.36 9.58 13.34
CA GLN A 235 0.08 9.44 14.00
C GLN A 235 -0.15 10.53 15.05
N ASN A 236 0.91 10.98 15.72
CA ASN A 236 0.74 11.90 16.83
C ASN A 236 0.90 13.36 16.43
N ASN A 237 1.45 13.62 15.25
CA ASN A 237 1.72 14.99 14.82
C ASN A 237 1.71 15.05 13.30
N CYS A 238 0.67 14.51 12.68
CA CYS A 238 0.62 14.46 11.23
C CYS A 238 0.65 15.86 10.62
N LEU A 239 1.50 16.04 9.62
CA LEU A 239 1.52 17.28 8.87
C LEU A 239 0.29 17.40 7.98
N GLN A 240 -0.29 16.27 7.56
CA GLN A 240 -1.28 16.21 6.49
C GLN A 240 -2.68 15.94 7.03
N THR A 241 -3.70 16.41 6.30
CA THR A 241 -5.07 15.97 6.55
C THR A 241 -5.85 15.97 5.23
N GLY A 242 -6.82 15.06 5.13
CA GLY A 242 -7.79 15.15 4.05
C GLY A 242 -9.00 16.01 4.46
N LEU A 243 -9.74 16.48 3.45
CA LEU A 243 -10.91 17.32 3.66
C LEU A 243 -11.87 17.07 2.51
N VAL A 244 -13.13 16.78 2.83
CA VAL A 244 -14.18 16.63 1.82
C VAL A 244 -15.27 17.64 2.14
N CYS A 245 -15.68 18.41 1.12
CA CYS A 245 -16.73 19.40 1.28
C CYS A 245 -17.78 19.19 0.20
N LYS A 246 -19.05 19.35 0.57
CA LYS A 246 -20.11 19.22 -0.40
C LYS A 246 -21.02 20.45 -0.33
N PRO A 247 -21.53 20.92 -1.48
CA PRO A 247 -22.48 22.04 -1.46
C PRO A 247 -23.65 21.73 -0.54
N GLN B 25 9.84 -3.50 0.73
CA GLN B 25 9.18 -3.74 -0.54
C GLN B 25 8.36 -5.05 -0.55
N ARG B 26 8.06 -5.59 0.63
CA ARG B 26 7.15 -6.72 0.76
C ARG B 26 5.69 -6.27 0.81
N ALA B 27 5.39 -5.03 0.44
CA ALA B 27 4.03 -4.51 0.61
C ALA B 27 3.01 -5.33 -0.15
N ILE B 28 3.27 -5.61 -1.44
CA ILE B 28 2.35 -6.42 -2.22
C ILE B 28 2.22 -7.82 -1.63
N GLU B 29 3.33 -8.43 -1.24
CA GLU B 29 3.28 -9.76 -0.65
C GLU B 29 2.47 -9.78 0.64
N VAL B 30 2.73 -8.84 1.55
CA VAL B 30 1.98 -8.77 2.81
C VAL B 30 0.50 -8.56 2.53
N ARG B 31 0.18 -7.58 1.66
CA ARG B 31 -1.21 -7.30 1.32
C ARG B 31 -1.91 -8.56 0.80
N THR B 32 -1.24 -9.32 -0.07
CA THR B 32 -1.86 -10.51 -0.66
C THR B 32 -2.09 -11.58 0.38
N ILE B 33 -1.11 -11.77 1.26
CA ILE B 33 -1.25 -12.80 2.28
C ILE B 33 -2.39 -12.45 3.24
N PHE B 34 -2.49 -11.19 3.66
CA PHE B 34 -3.57 -10.88 4.59
C PHE B 34 -4.93 -10.84 3.91
N HIS B 35 -4.96 -10.57 2.61
CA HIS B 35 -6.18 -10.74 1.83
C HIS B 35 -6.63 -12.19 1.85
N MET B 36 -5.71 -13.11 1.61
CA MET B 36 -6.06 -14.53 1.58
C MET B 36 -6.49 -15.01 2.97
N ILE B 37 -5.83 -14.52 4.02
CA ILE B 37 -6.13 -14.97 5.37
C ILE B 37 -7.53 -14.50 5.78
N GLY B 38 -7.84 -13.24 5.51
CA GLY B 38 -9.08 -12.66 5.98
C GLY B 38 -8.95 -12.19 7.43
N ASP B 39 -10.09 -12.11 8.10
CA ASP B 39 -10.13 -11.76 9.52
C ASP B 39 -9.70 -12.98 10.33
N VAL B 40 -8.60 -12.82 11.06
CA VAL B 40 -8.02 -13.93 11.82
C VAL B 40 -8.35 -13.80 13.31
N SER B 41 -9.24 -12.89 13.68
CA SER B 41 -9.49 -12.63 15.10
C SER B 41 -9.94 -13.90 15.81
N GLY B 42 -9.32 -14.18 16.96
CA GLY B 42 -9.68 -15.31 17.79
C GLY B 42 -9.23 -16.66 17.28
N LYS B 43 -8.60 -16.73 16.12
CA LYS B 43 -8.23 -18.02 15.53
C LYS B 43 -6.90 -18.53 16.08
N SER B 44 -6.72 -19.85 16.02
CA SER B 44 -5.42 -20.47 16.26
C SER B 44 -4.67 -20.64 14.93
N VAL B 45 -3.39 -20.33 14.95
CA VAL B 45 -2.60 -20.20 13.73
C VAL B 45 -1.29 -20.94 13.87
N LEU B 46 -0.91 -21.67 12.82
CA LEU B 46 0.40 -22.31 12.73
C LEU B 46 1.16 -21.65 11.58
N ASP B 47 2.28 -21.02 11.88
CA ASP B 47 3.08 -20.30 10.87
C ASP B 47 4.30 -21.15 10.53
N LEU B 48 4.28 -21.81 9.37
CA LEU B 48 5.34 -22.73 8.96
C LEU B 48 6.43 -22.02 8.14
N ALA B 49 7.67 -22.50 8.29
CA ALA B 49 8.84 -21.81 7.74
C ALA B 49 8.86 -20.36 8.22
N CYS B 50 8.66 -20.19 9.54
CA CYS B 50 8.35 -18.87 10.08
C CYS B 50 9.53 -17.91 10.09
N GLY B 51 10.76 -18.39 9.97
CA GLY B 51 11.87 -17.45 10.02
C GLY B 51 11.93 -16.82 11.40
N PHE B 52 12.17 -15.51 11.46
CA PHE B 52 12.15 -14.86 12.76
C PHE B 52 10.73 -14.55 13.23
N GLY B 53 9.72 -15.02 12.51
CA GLY B 53 8.34 -14.95 12.94
C GLY B 53 7.53 -13.84 12.33
N PHE B 54 8.00 -13.23 11.23
CA PHE B 54 7.35 -12.02 10.70
C PHE B 54 5.84 -12.19 10.57
N PHE B 55 5.40 -13.21 9.82
CA PHE B 55 3.97 -13.31 9.56
C PHE B 55 3.18 -13.74 10.79
N GLY B 56 3.68 -14.74 11.52
CA GLY B 56 3.00 -15.15 12.74
C GLY B 56 2.81 -14.00 13.71
N ARG B 57 3.84 -13.16 13.86
CA ARG B 57 3.79 -12.08 14.83
C ARG B 57 2.79 -11.01 14.39
N GLU B 58 2.73 -10.73 13.09
CA GLU B 58 1.76 -9.79 12.56
C GLU B 58 0.34 -10.35 12.62
N ILE B 59 0.19 -11.66 12.41
CA ILE B 59 -1.12 -12.29 12.52
C ILE B 59 -1.64 -12.17 13.94
N TYR B 60 -0.76 -12.37 14.91
CA TYR B 60 -1.17 -12.14 16.30
C TYR B 60 -1.55 -10.68 16.53
N ARG B 61 -0.75 -9.75 15.99
CA ARG B 61 -1.09 -8.34 16.18
C ARG B 61 -2.46 -8.02 15.61
N ARG B 62 -2.88 -8.71 14.56
CA ARG B 62 -4.17 -8.44 13.94
C ARG B 62 -5.33 -9.24 14.54
N GLY B 63 -5.09 -9.99 15.63
CA GLY B 63 -6.18 -10.49 16.43
C GLY B 63 -6.23 -12.00 16.70
N ALA B 64 -5.28 -12.75 16.17
CA ALA B 64 -5.27 -14.20 16.41
C ALA B 64 -5.15 -14.52 17.90
N ALA B 65 -5.80 -15.60 18.32
CA ALA B 65 -5.81 -15.96 19.73
C ALA B 65 -4.50 -16.62 20.15
N LYS B 66 -3.92 -17.41 19.27
CA LYS B 66 -2.74 -18.20 19.59
C LYS B 66 -1.98 -18.43 18.30
N VAL B 67 -0.66 -18.25 18.35
CA VAL B 67 0.17 -18.44 17.17
C VAL B 67 1.37 -19.32 17.55
N VAL B 68 1.64 -20.32 16.73
CA VAL B 68 2.80 -21.20 16.87
C VAL B 68 3.60 -21.08 15.59
N GLY B 69 4.92 -20.85 15.71
CA GLY B 69 5.81 -20.78 14.55
C GLY B 69 6.73 -21.99 14.52
N VAL B 70 7.02 -22.48 13.31
CA VAL B 70 7.91 -23.63 13.11
C VAL B 70 8.94 -23.26 12.06
N ASP B 71 10.22 -23.58 12.31
CA ASP B 71 11.25 -23.39 11.30
C ASP B 71 12.29 -24.47 11.50
N ILE B 72 12.92 -24.88 10.38
CA ILE B 72 13.91 -25.95 10.48
C ILE B 72 15.21 -25.45 11.11
N SER B 73 15.42 -24.13 11.15
CA SER B 73 16.69 -23.56 11.59
C SER B 73 16.61 -23.19 13.07
N GLU B 74 17.48 -23.81 13.88
CA GLU B 74 17.59 -23.40 15.28
C GLU B 74 17.97 -21.93 15.40
N LYS B 75 18.87 -21.46 14.53
CA LYS B 75 19.28 -20.05 14.58
C LYS B 75 18.08 -19.13 14.37
N MET B 76 17.25 -19.43 13.37
CA MET B 76 16.09 -18.61 13.11
C MET B 76 15.11 -18.64 14.28
N ILE B 77 14.94 -19.80 14.91
CA ILE B 77 14.01 -19.86 16.04
C ILE B 77 14.56 -19.10 17.25
N GLU B 78 15.88 -19.14 17.45
CA GLU B 78 16.49 -18.33 18.49
C GLU B 78 16.19 -16.85 18.28
N LEU B 79 16.36 -16.38 17.05
CA LEU B 79 16.05 -14.99 16.74
C LEU B 79 14.55 -14.72 16.86
N ALA B 80 13.71 -15.65 16.41
CA ALA B 80 12.26 -15.49 16.56
C ALA B 80 11.87 -15.32 18.02
N ARG B 81 12.43 -16.16 18.90
CA ARG B 81 12.10 -16.03 20.31
C ARG B 81 12.62 -14.72 20.88
N GLU B 82 13.79 -14.25 20.45
CA GLU B 82 14.28 -12.99 20.98
C GLU B 82 13.40 -11.83 20.54
N GLU B 83 12.90 -11.88 19.31
CA GLU B 83 11.96 -10.85 18.85
C GLU B 83 10.70 -10.84 19.71
N SER B 84 10.17 -12.01 20.05
CA SER B 84 8.95 -12.03 20.85
C SER B 84 9.18 -11.44 22.24
N ARG B 85 10.36 -11.65 22.82
CA ARG B 85 10.66 -10.96 24.08
C ARG B 85 10.87 -9.46 23.89
N LYS B 86 11.42 -9.04 22.75
CA LYS B 86 11.61 -7.62 22.52
C LYS B 86 10.28 -6.87 22.43
N TYR B 87 9.19 -7.54 22.05
CA TYR B 87 7.90 -6.91 21.85
C TYR B 87 6.78 -7.43 22.74
N GLY B 88 7.04 -8.46 23.54
CA GLY B 88 6.05 -8.94 24.49
C GLY B 88 4.88 -9.71 23.93
N ASP B 89 5.01 -10.32 22.73
CA ASP B 89 3.90 -11.13 22.26
C ASP B 89 4.03 -12.56 22.81
N PRO B 90 2.95 -13.36 22.72
CA PRO B 90 3.02 -14.71 23.29
C PRO B 90 3.24 -15.82 22.27
N LEU B 91 3.93 -15.53 21.18
CA LEU B 91 4.18 -16.58 20.20
C LEU B 91 5.03 -17.70 20.81
N GLU B 92 4.77 -18.92 20.35
N GLU B 92 4.71 -18.93 20.44
CA GLU B 92 5.48 -20.14 20.76
CA GLU B 92 5.53 -20.09 20.75
C GLU B 92 6.11 -20.79 19.53
C GLU B 92 6.19 -20.57 19.47
N PHE B 93 7.41 -21.05 19.59
CA PHE B 93 8.18 -21.49 18.43
C PHE B 93 8.74 -22.88 18.66
N HIS B 94 8.88 -23.63 17.56
CA HIS B 94 9.52 -24.95 17.59
C HIS B 94 10.46 -25.10 16.42
N VAL B 95 11.54 -25.86 16.64
CA VAL B 95 12.47 -26.22 15.56
C VAL B 95 12.02 -27.55 14.98
N ARG B 96 11.54 -27.53 13.73
CA ARG B 96 11.07 -28.74 13.08
C ARG B 96 11.31 -28.64 11.58
N ASP B 97 11.54 -29.79 10.95
CA ASP B 97 11.44 -29.93 9.51
C ASP B 97 9.99 -30.25 9.17
N VAL B 98 9.32 -29.34 8.45
CA VAL B 98 7.90 -29.55 8.19
C VAL B 98 7.64 -30.87 7.48
N ALA B 99 8.54 -31.28 6.61
CA ALA B 99 8.30 -32.53 5.89
C ALA B 99 8.32 -33.75 6.81
N ASN B 100 8.96 -33.65 7.98
CA ASN B 100 9.15 -34.76 8.89
C ASN B 100 8.77 -34.36 10.30
N MET B 101 7.69 -33.61 10.44
CA MET B 101 7.38 -32.83 11.63
C MET B 101 6.66 -33.67 12.68
N GLU B 102 7.08 -33.56 13.93
CA GLU B 102 6.27 -34.01 15.06
C GLU B 102 4.93 -33.29 15.01
N PRO B 103 3.80 -34.01 15.01
CA PRO B 103 2.50 -33.35 14.92
C PRO B 103 2.26 -32.37 16.06
N LEU B 104 1.58 -31.27 15.73
CA LEU B 104 1.37 -30.18 16.68
C LEU B 104 -0.10 -29.89 16.94
N GLY B 105 -1.01 -30.76 16.51
CA GLY B 105 -2.43 -30.49 16.66
C GLY B 105 -3.03 -29.82 15.44
N GLN B 106 -4.29 -29.42 15.57
CA GLN B 106 -5.05 -28.88 14.44
C GLN B 106 -5.37 -27.41 14.66
N PHE B 107 -5.17 -26.60 13.62
CA PHE B 107 -5.28 -25.16 13.73
C PHE B 107 -6.39 -24.65 12.82
N ASP B 108 -6.91 -23.44 13.13
CA ASP B 108 -7.84 -22.78 12.22
C ASP B 108 -7.17 -22.34 10.93
N LEU B 109 -5.91 -21.93 11.02
CA LEU B 109 -5.17 -21.37 9.89
C LEU B 109 -3.75 -21.91 9.92
N VAL B 110 -3.26 -22.36 8.77
CA VAL B 110 -1.84 -22.64 8.58
C VAL B 110 -1.34 -21.59 7.59
N ASN B 111 -0.34 -20.82 7.98
CA ASN B 111 0.28 -19.85 7.08
C ASN B 111 1.64 -20.38 6.69
N ALA B 112 1.97 -20.30 5.39
CA ALA B 112 3.25 -20.86 4.92
C ALA B 112 3.80 -19.94 3.84
N ALA B 113 4.49 -18.88 4.27
CA ALA B 113 5.11 -17.94 3.34
C ALA B 113 6.53 -18.41 3.08
N TRP B 114 6.77 -18.92 1.86
CA TRP B 114 8.09 -19.39 1.41
C TRP B 114 8.51 -20.68 2.10
N LEU B 115 7.56 -21.62 2.22
CA LEU B 115 7.87 -23.00 2.64
C LEU B 115 8.04 -23.93 1.43
N PHE B 116 7.03 -23.99 0.56
CA PHE B 116 6.96 -25.09 -0.41
C PHE B 116 8.04 -25.01 -1.46
N ASN B 117 8.61 -23.83 -1.71
CA ASN B 117 9.70 -23.73 -2.66
C ASN B 117 11.02 -24.24 -2.08
N TYR B 118 11.03 -24.71 -0.84
CA TYR B 118 12.21 -25.37 -0.27
C TYR B 118 12.07 -26.88 -0.26
N ALA B 119 10.92 -27.41 -0.66
CA ALA B 119 10.80 -28.85 -0.91
C ALA B 119 11.72 -29.27 -2.04
N ASP B 120 12.63 -30.21 -1.77
CA ASP B 120 13.64 -30.50 -2.78
C ASP B 120 13.27 -31.65 -3.72
N SER B 121 12.03 -32.15 -3.66
CA SER B 121 11.56 -33.18 -4.55
C SER B 121 10.03 -33.09 -4.55
N VAL B 122 9.41 -33.63 -5.60
CA VAL B 122 7.95 -33.73 -5.60
C VAL B 122 7.48 -34.57 -4.41
N GLU B 123 8.23 -35.63 -4.09
CA GLU B 123 7.88 -36.44 -2.92
C GLU B 123 7.83 -35.58 -1.65
N ASN B 124 8.87 -34.76 -1.43
CA ASN B 124 8.87 -33.91 -0.22
C ASN B 124 7.80 -32.82 -0.29
N LEU B 125 7.53 -32.27 -1.48
CA LEU B 125 6.39 -31.37 -1.65
C LEU B 125 5.09 -32.04 -1.19
N ARG B 126 4.86 -33.27 -1.64
CA ARG B 126 3.63 -33.98 -1.28
C ARG B 126 3.58 -34.25 0.22
N LYS B 127 4.73 -34.58 0.82
CA LYS B 127 4.81 -34.79 2.27
C LYS B 127 4.44 -33.50 3.02
N MET B 128 4.97 -32.35 2.58
CA MET B 128 4.60 -31.09 3.23
C MET B 128 3.10 -30.85 3.17
N PHE B 129 2.46 -31.06 2.01
CA PHE B 129 1.02 -30.81 1.96
C PHE B 129 0.25 -31.75 2.89
N LYS B 130 0.70 -33.01 3.00
N LYS B 130 0.69 -33.01 2.99
CA LYS B 130 0.00 -33.94 3.89
CA LYS B 130 0.02 -33.95 3.90
C LYS B 130 0.15 -33.52 5.35
C LYS B 130 0.14 -33.50 5.34
N VAL B 131 1.33 -33.01 5.72
CA VAL B 131 1.54 -32.51 7.07
C VAL B 131 0.66 -31.28 7.32
N VAL B 132 0.54 -30.39 6.32
CA VAL B 132 -0.33 -29.22 6.47
C VAL B 132 -1.77 -29.66 6.65
N ARG B 133 -2.24 -30.61 5.84
CA ARG B 133 -3.62 -31.04 5.97
C ARG B 133 -3.87 -31.64 7.34
N ALA B 134 -2.92 -32.41 7.86
CA ALA B 134 -3.08 -33.02 9.17
C ALA B 134 -3.08 -31.98 10.29
N SER B 135 -2.64 -30.75 9.99
CA SER B 135 -2.53 -29.69 10.97
C SER B 135 -3.74 -28.76 10.93
N LEU B 136 -4.76 -29.09 10.16
CA LEU B 136 -5.91 -28.20 9.95
C LEU B 136 -7.21 -28.77 10.52
N LYS B 137 -7.95 -27.91 11.21
N LYS B 137 -7.96 -27.90 11.21
CA LYS B 137 -9.33 -28.22 11.55
CA LYS B 137 -9.34 -28.20 11.54
C LYS B 137 -10.14 -28.39 10.27
C LYS B 137 -10.14 -28.40 10.25
N PRO B 138 -11.23 -29.17 10.31
CA PRO B 138 -12.01 -29.42 9.07
C PRO B 138 -12.52 -28.17 8.38
N ASP B 139 -12.77 -27.08 9.12
CA ASP B 139 -13.22 -25.82 8.53
C ASP B 139 -12.10 -24.78 8.45
N GLY B 140 -10.84 -25.20 8.58
CA GLY B 140 -9.70 -24.31 8.50
C GLY B 140 -9.27 -24.10 7.06
N LYS B 141 -8.09 -23.49 6.91
CA LYS B 141 -7.51 -23.30 5.59
C LYS B 141 -6.01 -23.10 5.67
N LEU B 142 -5.34 -23.45 4.56
CA LEU B 142 -3.95 -23.12 4.31
C LEU B 142 -3.87 -21.86 3.46
N VAL B 143 -3.04 -20.91 3.88
CA VAL B 143 -2.67 -19.76 3.06
C VAL B 143 -1.17 -19.85 2.83
N ALA B 144 -0.75 -19.85 1.56
CA ALA B 144 0.64 -20.05 1.23
C ALA B 144 1.10 -19.00 0.25
N TYR B 145 2.39 -18.71 0.30
CA TYR B 145 3.05 -17.86 -0.68
C TYR B 145 4.25 -18.63 -1.19
N THR B 146 4.33 -18.83 -2.51
CA THR B 146 5.36 -19.69 -3.05
C THR B 146 5.76 -19.20 -4.44
N VAL B 147 6.65 -19.94 -5.10
CA VAL B 147 7.08 -19.59 -6.45
C VAL B 147 5.98 -19.93 -7.45
N ASP B 148 5.66 -19.00 -8.36
CA ASP B 148 4.69 -19.29 -9.40
C ASP B 148 5.26 -20.38 -10.31
N PRO B 149 4.56 -21.49 -10.51
CA PRO B 149 5.02 -22.52 -11.46
C PRO B 149 5.37 -22.01 -12.85
N ASP B 150 4.71 -20.96 -13.32
CA ASP B 150 4.90 -20.45 -14.68
C ASP B 150 6.03 -19.44 -14.80
N PHE B 151 6.71 -19.10 -13.71
CA PHE B 151 7.88 -18.24 -13.83
C PHE B 151 8.89 -18.91 -14.75
N SER B 152 9.54 -18.10 -15.58
CA SER B 152 10.58 -18.59 -16.47
C SER B 152 11.68 -17.53 -16.54
N LEU B 153 12.91 -17.96 -16.23
CA LEU B 153 14.02 -17.00 -16.18
C LEU B 153 14.17 -16.27 -17.51
N ALA B 154 14.00 -16.98 -18.63
CA ALA B 154 14.14 -16.35 -19.94
C ALA B 154 13.12 -15.25 -20.17
N LYS B 155 11.93 -15.36 -19.58
CA LYS B 155 10.90 -14.33 -19.77
C LYS B 155 11.19 -13.03 -19.04
N GLY B 156 12.27 -12.95 -18.24
CA GLY B 156 12.56 -11.72 -17.54
C GLY B 156 12.92 -11.95 -16.09
N ASN B 157 13.97 -11.29 -15.63
CA ASN B 157 14.41 -11.48 -14.26
C ASN B 157 13.54 -10.63 -13.31
N PHE B 158 13.66 -10.91 -12.02
CA PHE B 158 12.83 -10.31 -10.99
C PHE B 158 13.62 -9.31 -10.14
N ALA B 159 14.80 -8.90 -10.63
CA ALA B 159 15.74 -8.16 -9.80
C ALA B 159 15.16 -6.84 -9.31
N LYS B 160 14.52 -6.09 -10.21
CA LYS B 160 14.03 -4.78 -9.79
C LYS B 160 12.87 -4.87 -8.80
N TYR B 161 12.38 -6.08 -8.53
CA TYR B 161 11.36 -6.30 -7.51
C TYR B 161 11.92 -6.93 -6.24
N GLY B 162 13.23 -7.13 -6.16
CA GLY B 162 13.89 -7.54 -4.93
C GLY B 162 14.66 -8.84 -4.99
N VAL B 163 14.42 -9.68 -5.99
CA VAL B 163 15.04 -11.00 -6.05
C VAL B 163 15.71 -11.15 -7.41
N ASN B 164 17.03 -11.25 -7.41
CA ASN B 164 17.80 -11.48 -8.63
C ASN B 164 17.95 -13.00 -8.81
N VAL B 165 17.28 -13.55 -9.82
CA VAL B 165 17.33 -14.98 -10.09
C VAL B 165 18.53 -15.27 -10.98
N LEU B 166 19.45 -16.09 -10.48
CA LEU B 166 20.77 -16.21 -11.10
C LEU B 166 20.82 -17.25 -12.19
N ASN B 167 20.06 -18.33 -12.07
CA ASN B 167 20.14 -19.41 -13.04
C ASN B 167 18.87 -20.24 -12.97
N GLU B 168 18.81 -21.27 -13.80
CA GLU B 168 17.62 -22.10 -13.92
C GLU B 168 18.08 -23.43 -14.47
N ARG B 169 18.01 -24.50 -13.69
N ARG B 169 17.95 -24.50 -13.69
CA ARG B 169 18.44 -25.80 -14.18
CA ARG B 169 18.46 -25.81 -14.05
C ARG B 169 17.37 -26.83 -13.92
C ARG B 169 17.38 -26.86 -13.88
N ALA B 170 17.26 -27.77 -14.85
CA ALA B 170 16.31 -28.85 -14.72
C ALA B 170 16.65 -29.66 -13.48
N TRP B 171 15.63 -30.06 -12.74
CA TRP B 171 15.80 -30.79 -11.48
C TRP B 171 14.67 -31.83 -11.49
N GLY B 172 14.94 -32.99 -12.10
CA GLY B 172 13.92 -33.98 -12.28
C GLY B 172 12.72 -33.40 -13.01
N PRO B 173 11.54 -33.49 -12.42
CA PRO B 173 10.33 -32.96 -13.07
C PRO B 173 10.14 -31.47 -12.90
N GLY B 174 11.05 -30.79 -12.21
CA GLY B 174 10.93 -29.36 -11.92
C GLY B 174 12.19 -28.60 -12.30
N TYR B 175 12.41 -27.46 -11.66
CA TYR B 175 13.59 -26.62 -11.87
C TYR B 175 14.17 -26.21 -10.53
N ARG B 176 15.49 -26.09 -10.48
CA ARG B 176 16.19 -25.52 -9.32
C ARG B 176 16.78 -24.17 -9.72
N HIS B 177 16.62 -23.16 -8.86
CA HIS B 177 17.10 -21.81 -9.13
C HIS B 177 18.04 -21.37 -8.03
N ASP B 178 19.19 -20.79 -8.39
CA ASP B 178 19.97 -20.00 -7.44
C ASP B 178 19.55 -18.54 -7.59
N ALA B 179 19.64 -17.79 -6.49
CA ALA B 179 19.15 -16.42 -6.50
C ALA B 179 19.81 -15.66 -5.37
N GLU B 180 19.58 -14.35 -5.36
CA GLU B 180 20.12 -13.52 -4.29
C GLU B 180 19.20 -12.33 -4.08
N PHE B 181 19.16 -11.85 -2.84
CA PHE B 181 18.44 -10.61 -2.54
C PHE B 181 19.29 -9.42 -2.97
N VAL B 182 18.63 -8.37 -3.46
CA VAL B 182 19.33 -7.19 -3.95
C VAL B 182 19.53 -6.17 -2.84
N SER B 187 22.55 -11.46 0.05
CA SER B 187 22.58 -12.85 0.48
C SER B 187 22.07 -13.78 -0.61
N GLN B 188 22.68 -14.96 -0.73
CA GLN B 188 22.33 -15.94 -1.74
C GLN B 188 21.45 -17.04 -1.17
N PHE B 189 20.64 -17.65 -2.03
CA PHE B 189 19.84 -18.81 -1.64
C PHE B 189 19.45 -19.57 -2.90
N SER B 190 18.86 -20.73 -2.68
CA SER B 190 18.38 -21.56 -3.77
C SER B 190 16.97 -22.01 -3.47
N PHE B 191 16.18 -22.22 -4.51
CA PHE B 191 14.82 -22.70 -4.32
C PHE B 191 14.43 -23.60 -5.46
N TYR B 192 13.27 -24.23 -5.33
CA TYR B 192 12.78 -25.18 -6.30
C TYR B 192 11.46 -24.70 -6.86
N ARG B 193 11.27 -24.91 -8.17
CA ARG B 193 10.05 -24.52 -8.86
C ARG B 193 9.40 -25.77 -9.43
N TRP B 194 8.33 -26.22 -8.79
CA TRP B 194 7.59 -27.39 -9.23
C TRP B 194 6.39 -26.97 -10.08
N SER B 195 5.96 -27.90 -10.91
CA SER B 195 4.92 -27.62 -11.89
C SER B 195 3.57 -27.42 -11.20
N ARG B 196 2.70 -26.69 -11.89
CA ARG B 196 1.35 -26.50 -11.36
C ARG B 196 0.63 -27.83 -11.21
N ALA B 197 0.79 -28.72 -12.19
CA ALA B 197 0.20 -30.06 -12.10
C ALA B 197 0.69 -30.81 -10.87
N ASP B 198 1.99 -30.71 -10.58
CA ASP B 198 2.52 -31.44 -9.43
C ASP B 198 2.05 -30.82 -8.11
N TYR B 199 1.97 -29.49 -8.02
CA TYR B 199 1.35 -28.89 -6.84
C TYR B 199 -0.08 -29.35 -6.67
N GLU B 200 -0.88 -29.28 -7.74
CA GLU B 200 -2.30 -29.61 -7.61
C GLU B 200 -2.52 -31.07 -7.26
N SER B 201 -1.66 -31.96 -7.78
CA SER B 201 -1.75 -33.36 -7.39
C SER B 201 -1.40 -33.54 -5.91
N ALA B 202 -0.37 -32.82 -5.43
CA ALA B 202 0.00 -32.88 -4.02
C ALA B 202 -1.12 -32.37 -3.14
N ILE B 203 -1.80 -31.30 -3.58
CA ILE B 203 -2.92 -30.75 -2.83
C ILE B 203 -4.07 -31.76 -2.76
N ALA B 204 -4.45 -32.32 -3.91
CA ALA B 204 -5.54 -33.30 -3.93
C ALA B 204 -5.18 -34.54 -3.13
N ASP B 205 -3.98 -35.08 -3.33
CA ASP B 205 -3.65 -36.34 -2.66
C ASP B 205 -3.49 -36.15 -1.16
N ALA B 206 -3.22 -34.93 -0.70
CA ALA B 206 -3.15 -34.68 0.73
C ALA B 206 -4.52 -34.60 1.38
N GLY B 207 -5.59 -34.49 0.60
CA GLY B 207 -6.93 -34.51 1.16
C GLY B 207 -7.66 -33.19 1.15
N PHE B 208 -7.14 -32.16 0.46
CA PHE B 208 -7.86 -30.90 0.36
C PHE B 208 -9.01 -30.99 -0.64
N SER B 209 -10.14 -30.37 -0.29
CA SER B 209 -11.29 -30.31 -1.20
C SER B 209 -11.09 -29.25 -2.29
N HIS B 210 -10.49 -28.10 -1.96
CA HIS B 210 -10.45 -26.98 -2.89
C HIS B 210 -9.10 -26.27 -2.81
N PHE B 211 -8.71 -25.66 -3.93
CA PHE B 211 -7.52 -24.83 -3.98
C PHE B 211 -7.77 -23.67 -4.93
N GLU B 212 -7.07 -22.57 -4.68
CA GLU B 212 -7.16 -21.45 -5.61
C GLU B 212 -5.80 -20.78 -5.67
N TRP B 213 -5.30 -20.55 -6.88
CA TRP B 213 -4.08 -19.77 -7.04
C TRP B 213 -4.46 -18.29 -7.00
N GLN B 214 -3.75 -17.52 -6.17
CA GLN B 214 -4.04 -16.11 -5.98
C GLN B 214 -2.89 -15.28 -6.55
N LYS B 215 -3.19 -14.51 -7.59
CA LYS B 215 -2.19 -13.60 -8.13
C LYS B 215 -1.88 -12.52 -7.10
N PRO B 216 -0.63 -12.08 -6.99
CA PRO B 216 -0.30 -10.97 -6.09
C PRO B 216 -1.20 -9.78 -6.37
N LEU B 217 -1.65 -9.14 -5.30
CA LEU B 217 -2.64 -8.05 -5.35
C LEU B 217 -1.94 -6.73 -5.66
N LEU B 218 -1.45 -6.64 -6.90
CA LEU B 218 -1.06 -5.34 -7.44
C LEU B 218 -2.27 -4.42 -7.58
N GLU B 219 -2.18 -3.19 -7.07
CA GLU B 219 -3.33 -2.30 -7.01
C GLU B 219 -3.08 -0.99 -7.76
N ALA B 220 -4.17 -0.27 -8.03
CA ALA B 220 -4.06 0.99 -8.76
C ALA B 220 -3.05 1.93 -8.10
N ASP B 221 -3.05 2.01 -6.76
CA ASP B 221 -2.12 2.89 -6.07
C ASP B 221 -0.67 2.50 -6.34
N ASP B 222 -0.40 1.19 -6.48
CA ASP B 222 0.94 0.72 -6.82
C ASP B 222 1.35 1.22 -8.19
N ILE B 223 0.45 1.10 -9.16
CA ILE B 223 0.71 1.60 -10.51
C ILE B 223 0.94 3.10 -10.47
N ALA B 224 0.20 3.83 -9.63
CA ALA B 224 0.25 5.29 -9.69
C ALA B 224 1.52 5.84 -9.08
N THR B 225 2.13 5.10 -8.16
CA THR B 225 3.28 5.59 -7.42
C THR B 225 4.61 5.12 -7.99
N HIS B 226 4.60 4.49 -9.15
CA HIS B 226 5.81 4.00 -9.80
C HIS B 226 5.81 4.50 -11.24
N PRO B 227 6.99 4.61 -11.86
CA PRO B 227 7.05 5.01 -13.27
C PRO B 227 6.11 4.16 -14.10
N PRO B 228 5.52 4.69 -15.17
CA PRO B 228 4.60 3.88 -15.97
C PRO B 228 5.29 2.63 -16.47
N GLY B 229 4.61 1.50 -16.37
CA GLY B 229 5.15 0.26 -16.88
C GLY B 229 6.13 -0.45 -15.97
N PHE B 230 6.48 0.15 -14.83
CA PHE B 230 7.39 -0.48 -13.87
C PHE B 230 6.95 -1.89 -13.50
N TRP B 231 5.65 -2.17 -13.51
CA TRP B 231 5.13 -3.46 -13.05
C TRP B 231 4.89 -4.45 -14.19
N ASP B 232 5.29 -4.10 -15.42
CA ASP B 232 5.05 -4.96 -16.58
C ASP B 232 5.65 -6.37 -16.40
N VAL B 233 6.95 -6.45 -16.09
CA VAL B 233 7.57 -7.77 -15.89
C VAL B 233 6.90 -8.49 -14.73
N PHE B 234 6.56 -7.76 -13.67
CA PHE B 234 5.88 -8.36 -12.53
C PHE B 234 4.60 -9.06 -12.95
N GLN B 235 3.83 -8.44 -13.85
CA GLN B 235 2.57 -9.05 -14.24
C GLN B 235 2.78 -10.15 -15.27
N ASN B 236 3.83 -10.05 -16.08
CA ASN B 236 4.02 -10.96 -17.22
C ASN B 236 4.83 -12.20 -16.87
N ASN B 237 5.68 -12.12 -15.84
CA ASN B 237 6.56 -13.21 -15.47
C ASN B 237 6.78 -13.17 -13.96
N CYS B 238 5.69 -13.14 -13.21
CA CYS B 238 5.79 -13.02 -11.75
C CYS B 238 6.55 -14.21 -11.16
N LEU B 239 7.47 -13.90 -10.25
CA LEU B 239 8.15 -14.95 -9.51
C LEU B 239 7.24 -15.58 -8.47
N GLN B 240 6.27 -14.83 -7.97
CA GLN B 240 5.52 -15.17 -6.76
C GLN B 240 4.07 -15.51 -7.06
N THR B 241 3.47 -16.32 -6.18
CA THR B 241 2.03 -16.54 -6.23
C THR B 241 1.55 -16.84 -4.82
N GLY B 242 0.30 -16.44 -4.56
CA GLY B 242 -0.41 -16.94 -3.40
C GLY B 242 -1.12 -18.27 -3.72
N LEU B 243 -1.50 -18.98 -2.67
CA LEU B 243 -2.19 -20.26 -2.79
C LEU B 243 -3.06 -20.45 -1.56
N VAL B 244 -4.35 -20.70 -1.75
CA VAL B 244 -5.25 -21.02 -0.64
C VAL B 244 -5.78 -22.42 -0.86
N CYS B 245 -5.71 -23.26 0.16
CA CYS B 245 -6.27 -24.60 0.09
C CYS B 245 -7.21 -24.83 1.25
N LYS B 246 -8.32 -25.53 0.99
CA LYS B 246 -9.33 -25.79 2.00
C LYS B 246 -9.63 -27.27 2.07
N PRO B 247 -9.69 -27.85 3.29
CA PRO B 247 -10.01 -29.27 3.49
C PRO B 247 -11.36 -29.67 2.87
N SAH C . -1.27 18.65 -6.79
CA SAH C . 0.15 18.35 -7.20
CB SAH C . 1.14 19.47 -6.84
CG SAH C . 1.10 19.94 -5.39
SD SAH C . 2.49 21.04 -5.13
C SAH C . 0.55 17.07 -6.53
O SAH C . 1.39 16.34 -7.06
OXT SAH C . 0.04 16.73 -5.45
C5' SAH C . 1.64 22.57 -4.91
C4' SAH C . 1.32 23.24 -6.24
O4' SAH C . 0.43 24.32 -6.00
C3' SAH C . 2.53 23.85 -6.97
O3' SAH C . 2.65 23.24 -8.25
C2' SAH C . 2.21 25.33 -7.09
O2' SAH C . 2.66 25.95 -8.32
C1' SAH C . 0.69 25.33 -6.96
N9 SAH C . 0.10 26.59 -6.46
C8 SAH C . 0.52 27.33 -5.43
N7 SAH C . -0.28 28.41 -5.24
C5 SAH C . -1.26 28.34 -6.17
C6 SAH C . -2.44 29.15 -6.53
N6 SAH C . -2.74 30.28 -5.85
N1 SAH C . -3.19 28.74 -7.57
C2 SAH C . -2.89 27.62 -8.26
N3 SAH C . -1.84 26.84 -7.97
C4 SAH C . -1.00 27.14 -6.96
N SAH D . 8.15 -17.10 6.46
CA SAH D . 9.29 -16.17 6.78
CB SAH D . 10.66 -16.74 6.34
CG SAH D . 10.70 -17.15 4.87
SD SAH D . 12.37 -17.62 4.49
C SAH D . 9.06 -14.87 6.10
O SAH D . 8.27 -14.80 5.15
OXT SAH D . 9.64 -13.86 6.50
C5' SAH D . 12.18 -19.37 4.37
C4' SAH D . 12.34 -20.05 5.74
O4' SAH D . 11.95 -21.44 5.59
C3' SAH D . 13.74 -20.08 6.34
O3' SAH D . 13.72 -19.54 7.66
C2' SAH D . 14.12 -21.56 6.35
O2' SAH D . 14.97 -22.00 7.44
C1' SAH D . 12.75 -22.23 6.44
N9 SAH D . 12.65 -23.62 5.92
C8 SAH D . 13.17 -24.10 4.76
N7 SAH D . 12.87 -25.42 4.61
C5 SAH D . 12.13 -25.78 5.69
C6 SAH D . 11.48 -27.01 6.15
N6 SAH D . 11.59 -28.15 5.41
N1 SAH D . 10.81 -26.96 7.33
C2 SAH D . 10.74 -25.83 8.06
N3 SAH D . 11.29 -24.66 7.68
C4 SAH D . 11.98 -24.59 6.54
#